data_4XIN
#
_entry.id   4XIN
#
_cell.length_a   32.030
_cell.length_b   37.630
_cell.length_c   41.960
_cell.angle_alpha   110.120
_cell.angle_beta   95.970
_cell.angle_gamma   97.080
#
_symmetry.space_group_name_H-M   'P 1'
#
loop_
_entity.id
_entity.type
_entity.pdbx_description
1 polymer 'LpqH orthologue'
2 non-polymer 'SODIUM ION'
3 water water
#
_entity_poly.entity_id   1
_entity_poly.type   'polypeptide(L)'
_entity_poly.pdbx_seq_one_letter_code
;MAHHHHHHSRPPAQLSSTASVTVDGKDRNFHIVTCRQLEWRRMIDIGADFSGAKVAVDENAQPPVVESVHIQNLSGFSGM
YSRGGSGSADMSMTGDKFTISGTADGYKTDKPGEPATATFKIVVTC
;
_entity_poly.pdbx_strand_id   A,B
#
loop_
_chem_comp.id
_chem_comp.type
_chem_comp.name
_chem_comp.formula
NA non-polymer 'SODIUM ION' 'Na 1'
#
# COMPACT_ATOMS: atom_id res chain seq x y z
N ALA A 13 -0.70 15.71 17.87
CA ALA A 13 0.46 14.85 17.66
C ALA A 13 1.57 15.16 18.66
N GLN A 14 1.29 16.06 19.60
CA GLN A 14 2.21 16.37 20.69
C GLN A 14 1.94 15.48 21.89
N LEU A 15 0.66 15.31 22.22
CA LEU A 15 0.27 14.37 23.28
C LEU A 15 0.69 12.97 22.87
N SER A 16 1.00 12.11 23.84
CA SER A 16 1.38 10.73 23.53
CA SER A 16 1.40 10.75 23.49
C SER A 16 0.24 10.01 22.83
N SER A 17 0.59 9.07 21.96
CA SER A 17 -0.39 8.29 21.21
CA SER A 17 -0.41 8.29 21.24
C SER A 17 -1.46 9.15 20.55
N THR A 18 -1.00 10.18 19.84
CA THR A 18 -1.90 10.95 18.99
C THR A 18 -1.18 11.25 17.70
N ALA A 19 -1.96 11.64 16.70
CA ALA A 19 -1.42 11.86 15.37
C ALA A 19 -2.28 12.85 14.62
N SER A 20 -1.64 13.55 13.69
CA SER A 20 -2.36 14.33 12.70
CA SER A 20 -2.35 14.33 12.70
C SER A 20 -1.90 13.87 11.33
N VAL A 21 -2.83 13.70 10.41
CA VAL A 21 -2.49 13.32 9.05
C VAL A 21 -3.12 14.35 8.13
N THR A 22 -2.27 14.96 7.30
CA THR A 22 -2.69 15.92 6.27
C THR A 22 -2.48 15.32 4.89
N VAL A 23 -3.51 15.37 4.07
CA VAL A 23 -3.43 14.88 2.71
C VAL A 23 -3.96 15.96 1.79
N ASP A 24 -3.13 16.42 0.85
CA ASP A 24 -3.50 17.54 -0.02
C ASP A 24 -4.21 18.67 0.73
N GLY A 25 -3.65 19.04 1.89
CA GLY A 25 -4.14 20.19 2.63
C GLY A 25 -5.30 19.93 3.57
N LYS A 26 -5.82 18.71 3.59
CA LYS A 26 -6.93 18.37 4.48
C LYS A 26 -6.47 17.52 5.65
N ASP A 27 -6.81 17.92 6.88
CA ASP A 27 -6.32 17.24 8.07
C ASP A 27 -7.34 16.33 8.76
N ARG A 28 -6.83 15.23 9.32
CA ARG A 28 -7.54 14.39 10.28
C ARG A 28 -6.66 14.24 11.54
N ASN A 29 -7.27 14.37 12.71
CA ASN A 29 -6.62 14.13 13.99
C ASN A 29 -7.05 12.79 14.57
N PHE A 30 -6.12 12.11 15.23
CA PHE A 30 -6.35 10.79 15.79
C PHE A 30 -5.88 10.69 17.22
N HIS A 31 -6.71 10.08 18.06
CA HIS A 31 -6.32 9.68 19.40
C HIS A 31 -6.03 8.17 19.45
N ILE A 32 -6.23 7.51 18.32
CA ILE A 32 -6.03 6.06 18.24
C ILE A 32 -4.75 5.80 17.45
N VAL A 33 -3.70 5.43 18.18
CA VAL A 33 -2.37 5.22 17.64
C VAL A 33 -1.74 4.04 18.36
N THR A 34 -1.18 3.10 17.61
CA THR A 34 -0.42 2.00 18.19
C THR A 34 0.89 1.82 17.44
N CYS A 35 2.01 1.86 18.16
CA CYS A 35 3.31 1.56 17.59
C CYS A 35 3.80 0.21 18.04
N ARG A 36 4.37 -0.56 17.14
CA ARG A 36 4.86 -1.90 17.50
C ARG A 36 6.27 -2.07 16.98
N GLN A 37 7.02 -2.99 17.57
CA GLN A 37 8.34 -3.32 17.09
C GLN A 37 8.33 -4.71 16.46
N LEU A 38 8.02 -4.77 15.17
CA LEU A 38 8.11 -6.02 14.42
C LEU A 38 9.46 -6.06 13.70
N GLU A 39 10.48 -6.53 14.42
CA GLU A 39 11.88 -6.50 13.95
C GLU A 39 12.00 -6.89 12.49
N TRP A 40 12.81 -6.13 11.73
CA TRP A 40 13.59 -5.02 12.26
C TRP A 40 12.94 -3.65 12.04
N ARG A 41 11.61 -3.64 11.93
CA ARG A 41 10.89 -2.42 11.61
C ARG A 41 10.07 -1.90 12.78
N ARG A 42 9.92 -0.59 12.83
CA ARG A 42 8.96 0.06 13.70
C ARG A 42 7.69 0.29 12.90
N MET A 43 6.58 -0.26 13.38
CA MET A 43 5.30 -0.16 12.68
C MET A 43 4.40 0.81 13.43
N ILE A 44 3.97 1.85 12.73
CA ILE A 44 3.10 2.86 13.31
C ILE A 44 1.72 2.72 12.68
N ASP A 45 0.72 2.39 13.48
CA ASP A 45 -0.63 2.22 12.99
C ASP A 45 -1.52 3.32 13.53
N ILE A 46 -2.03 4.17 12.66
CA ILE A 46 -2.85 5.30 13.07
C ILE A 46 -4.28 5.05 12.66
N GLY A 47 -5.22 5.25 13.56
CA GLY A 47 -6.61 4.96 13.22
C GLY A 47 -6.97 3.49 13.17
N ALA A 48 -7.76 3.11 12.17
CA ALA A 48 -8.26 1.76 12.00
C ALA A 48 -7.95 1.24 10.60
N ASP A 49 -8.11 -0.07 10.39
CA ASP A 49 -7.88 -0.68 9.07
C ASP A 49 -8.76 -0.02 8.01
N PHE A 50 -9.98 0.32 8.41
CA PHE A 50 -10.97 0.90 7.51
C PHE A 50 -10.62 2.34 7.11
N SER A 51 -9.97 3.05 8.03
CA SER A 51 -9.65 4.46 7.86
C SER A 51 -8.50 4.84 8.78
N GLY A 52 -7.33 5.04 8.18
CA GLY A 52 -6.15 5.28 8.98
C GLY A 52 -4.91 5.30 8.11
N ALA A 53 -3.77 5.21 8.75
CA ALA A 53 -2.48 5.17 8.04
C ALA A 53 -1.53 4.23 8.74
N LYS A 54 -0.78 3.46 7.97
CA LYS A 54 0.20 2.54 8.49
C LYS A 54 1.56 2.88 7.88
N VAL A 55 2.53 3.10 8.74
CA VAL A 55 3.90 3.45 8.34
C VAL A 55 4.88 2.42 8.88
N ALA A 56 5.81 1.96 8.05
CA ALA A 56 6.88 1.07 8.46
C ALA A 56 8.18 1.84 8.35
N VAL A 57 8.92 1.89 9.46
CA VAL A 57 10.16 2.64 9.57
C VAL A 57 11.31 1.70 9.90
N ASP A 58 12.42 1.88 9.21
CA ASP A 58 13.66 1.19 9.56
C ASP A 58 14.47 2.15 10.41
N GLU A 59 14.41 1.95 11.72
CA GLU A 59 15.09 2.85 12.64
C GLU A 59 16.58 2.59 12.73
N ASN A 60 17.04 1.47 12.20
CA ASN A 60 18.44 1.09 12.33
CA ASN A 60 18.45 1.12 12.34
C ASN A 60 19.29 1.63 11.18
N ALA A 61 18.64 2.28 10.22
CA ALA A 61 19.34 2.95 9.13
C ALA A 61 19.69 4.36 9.60
N GLN A 62 20.75 4.93 9.04
CA GLN A 62 21.17 6.29 9.40
C GLN A 62 21.36 7.14 8.15
N PRO A 63 20.50 8.16 7.95
CA PRO A 63 19.34 8.52 8.79
C PRO A 63 18.22 7.48 8.62
N PRO A 64 17.28 7.41 9.58
CA PRO A 64 16.20 6.42 9.51
C PRO A 64 15.42 6.51 8.21
N VAL A 65 14.89 5.38 7.75
CA VAL A 65 14.30 5.32 6.42
C VAL A 65 12.85 4.84 6.52
N VAL A 66 11.97 5.44 5.73
CA VAL A 66 10.59 4.99 5.67
C VAL A 66 10.49 3.91 4.61
N GLU A 67 10.06 2.72 5.01
CA GLU A 67 9.98 1.60 4.10
C GLU A 67 8.64 1.57 3.37
N SER A 68 7.58 1.98 4.04
CA SER A 68 6.27 2.01 3.40
C SER A 68 5.28 2.93 4.08
N VAL A 69 4.30 3.40 3.32
CA VAL A 69 3.19 4.21 3.83
C VAL A 69 1.92 3.77 3.15
N HIS A 70 0.92 3.36 3.92
CA HIS A 70 -0.38 2.99 3.37
C HIS A 70 -1.40 3.89 4.03
N ILE A 71 -1.97 4.80 3.23
CA ILE A 71 -3.06 5.66 3.69
C ILE A 71 -4.39 5.10 3.20
N GLN A 72 -5.35 4.88 4.09
CA GLN A 72 -6.60 4.26 3.69
C GLN A 72 -7.78 5.13 4.12
N ASN A 73 -8.57 5.59 3.15
CA ASN A 73 -9.78 6.38 3.42
C ASN A 73 -9.56 7.49 4.43
N LEU A 74 -8.60 8.36 4.13
CA LEU A 74 -8.21 9.43 5.01
C LEU A 74 -8.18 10.74 4.24
N SER A 75 -8.98 11.70 4.69
CA SER A 75 -9.17 12.98 3.98
C SER A 75 -9.51 12.73 2.52
N GLY A 76 -10.29 11.69 2.27
CA GLY A 76 -10.82 11.42 0.95
C GLY A 76 -9.80 10.79 0.02
N PHE A 77 -8.77 10.18 0.58
CA PHE A 77 -7.71 9.61 -0.23
C PHE A 77 -7.29 8.24 0.31
N SER A 78 -6.88 7.36 -0.61
CA SER A 78 -6.18 6.13 -0.24
C SER A 78 -4.96 6.06 -1.13
N GLY A 79 -3.81 5.77 -0.54
CA GLY A 79 -2.60 5.67 -1.33
C GLY A 79 -1.61 4.68 -0.77
N MET A 80 -0.64 4.31 -1.59
CA MET A 80 0.29 3.25 -1.26
C MET A 80 1.67 3.64 -1.72
N TYR A 81 2.63 3.71 -0.79
CA TYR A 81 4.03 3.97 -1.13
C TYR A 81 4.88 2.80 -0.61
N SER A 82 5.77 2.28 -1.44
CA SER A 82 6.79 1.30 -1.07
C SER A 82 8.14 1.85 -1.47
N ARG A 83 9.12 1.80 -0.57
CA ARG A 83 10.46 2.26 -0.94
C ARG A 83 10.95 1.46 -2.16
N GLY A 84 11.38 2.19 -3.18
CA GLY A 84 11.78 1.59 -4.44
C GLY A 84 10.73 1.82 -5.52
N GLY A 85 9.55 2.26 -5.09
CA GLY A 85 8.46 2.51 -6.02
C GLY A 85 8.25 3.99 -6.29
N SER A 86 7.16 4.31 -6.98
CA SER A 86 6.78 5.68 -7.25
CA SER A 86 6.77 5.68 -7.25
CA SER A 86 6.78 5.70 -7.24
C SER A 86 6.38 6.40 -5.95
N GLY A 87 6.57 7.71 -5.92
CA GLY A 87 6.23 8.48 -4.73
C GLY A 87 7.48 8.67 -3.86
N SER A 88 7.27 9.09 -2.62
CA SER A 88 8.39 9.30 -1.71
C SER A 88 7.92 9.34 -0.28
N ALA A 89 8.83 9.15 0.65
CA ALA A 89 8.52 9.33 2.05
C ALA A 89 9.81 9.56 2.81
N ASP A 90 9.86 10.69 3.51
CA ASP A 90 11.01 11.14 4.29
C ASP A 90 10.56 11.29 5.72
N MET A 91 11.44 11.08 6.67
CA MET A 91 11.04 11.28 8.04
C MET A 91 12.04 12.08 8.84
N SER A 92 11.54 12.64 9.92
CA SER A 92 12.38 13.34 10.89
C SER A 92 11.79 13.08 12.27
N MET A 93 12.61 13.28 13.31
CA MET A 93 12.16 13.21 14.70
C MET A 93 12.27 14.58 15.35
N THR A 94 11.26 14.95 16.13
CA THR A 94 11.33 16.11 17.00
C THR A 94 11.04 15.58 18.40
N GLY A 95 12.09 15.30 19.16
CA GLY A 95 11.91 14.52 20.39
C GLY A 95 11.26 13.19 20.03
N ASP A 96 10.13 12.89 20.67
CA ASP A 96 9.40 11.63 20.41
C ASP A 96 8.56 11.68 19.14
N LYS A 97 8.42 12.87 18.57
CA LYS A 97 7.43 13.08 17.50
C LYS A 97 8.00 12.71 16.14
N PHE A 98 7.40 11.73 15.47
CA PHE A 98 7.75 11.44 14.08
C PHE A 98 7.03 12.39 13.17
N THR A 99 7.73 12.88 12.17
CA THR A 99 7.08 13.44 11.01
C THR A 99 7.46 12.68 9.75
N ILE A 100 6.46 12.20 9.02
CA ILE A 100 6.71 11.47 7.79
C ILE A 100 5.99 12.23 6.68
N SER A 101 6.71 12.71 5.68
CA SER A 101 6.06 13.46 4.62
CA SER A 101 6.13 13.52 4.62
C SER A 101 6.50 12.92 3.28
N GLY A 102 5.64 13.05 2.29
CA GLY A 102 5.95 12.48 1.01
C GLY A 102 4.80 12.59 0.03
N THR A 103 4.86 11.77 -1.01
CA THR A 103 3.80 11.66 -2.00
C THR A 103 3.46 10.21 -2.22
N ALA A 104 2.19 9.93 -2.53
CA ALA A 104 1.77 8.55 -2.72
C ALA A 104 0.74 8.48 -3.82
N ASP A 105 0.91 7.49 -4.70
CA ASP A 105 -0.10 7.18 -5.68
C ASP A 105 -1.28 6.42 -5.09
N GLY A 106 -2.47 6.74 -5.56
CA GLY A 106 -3.66 6.04 -5.10
C GLY A 106 -4.89 6.56 -5.82
N TYR A 107 -5.94 6.80 -5.05
CA TYR A 107 -7.18 7.29 -5.63
C TYR A 107 -7.94 8.11 -4.60
N LYS A 108 -8.63 9.13 -5.08
CA LYS A 108 -9.54 9.91 -4.25
C LYS A 108 -10.88 9.18 -4.14
N THR A 109 -11.44 9.16 -2.93
CA THR A 109 -12.72 8.52 -2.69
C THR A 109 -13.85 9.01 -3.62
N ASP A 110 -13.81 10.30 -3.97
CA ASP A 110 -14.80 10.90 -4.86
C ASP A 110 -14.78 10.28 -6.25
N LYS A 111 -13.59 9.80 -6.66
CA LYS A 111 -13.37 9.37 -8.03
C LYS A 111 -12.45 8.16 -8.05
N PRO A 112 -12.96 7.01 -7.57
CA PRO A 112 -12.04 5.88 -7.38
C PRO A 112 -11.49 5.33 -8.69
N GLY A 113 -12.13 5.64 -9.83
CA GLY A 113 -11.62 5.17 -11.10
C GLY A 113 -10.61 6.09 -11.78
N GLU A 114 -10.15 7.11 -11.08
CA GLU A 114 -9.13 8.00 -11.62
C GLU A 114 -7.88 7.95 -10.75
N PRO A 115 -6.70 8.06 -11.37
CA PRO A 115 -5.48 8.05 -10.55
C PRO A 115 -5.27 9.39 -9.88
N ALA A 116 -4.80 9.33 -8.64
CA ALA A 116 -4.44 10.51 -7.89
C ALA A 116 -3.10 10.28 -7.22
N THR A 117 -2.28 11.31 -7.22
CA THR A 117 -1.03 11.31 -6.44
C THR A 117 -1.13 12.45 -5.44
N ALA A 118 -1.11 12.12 -4.15
CA ALA A 118 -1.33 13.14 -3.14
C ALA A 118 -0.08 13.39 -2.30
N THR A 119 0.03 14.62 -1.81
CA THR A 119 1.11 14.97 -0.91
C THR A 119 0.59 14.73 0.52
N PHE A 120 1.37 14.04 1.35
CA PHE A 120 0.92 13.77 2.71
C PHE A 120 1.95 14.21 3.75
N LYS A 121 1.45 14.48 4.95
CA LYS A 121 2.30 14.74 6.10
C LYS A 121 1.65 14.08 7.32
N ILE A 122 2.40 13.16 7.92
CA ILE A 122 1.94 12.41 9.08
C ILE A 122 2.78 12.86 10.24
N VAL A 123 2.14 13.38 11.29
CA VAL A 123 2.84 13.76 12.53
C VAL A 123 2.29 12.90 13.64
N VAL A 124 3.15 12.15 14.32
CA VAL A 124 2.65 11.14 15.23
C VAL A 124 3.61 10.91 16.36
N THR A 125 3.05 10.78 17.56
CA THR A 125 3.79 10.44 18.74
C THR A 125 3.24 9.15 19.23
N CYS A 126 4.10 8.15 19.41
CA CYS A 126 3.67 6.85 19.87
C CYS A 126 3.17 6.89 21.30
N ALA B 13 -0.16 -14.91 -16.81
CA ALA B 13 1.25 -15.25 -16.92
C ALA B 13 1.55 -16.59 -17.57
N GLN B 14 1.19 -16.77 -18.82
CA GLN B 14 1.69 -17.92 -19.54
C GLN B 14 3.12 -17.60 -19.96
N LEU B 15 3.26 -16.55 -20.75
CA LEU B 15 4.55 -16.14 -21.29
C LEU B 15 5.16 -14.99 -20.51
N SER B 16 6.43 -14.70 -20.79
CA SER B 16 7.15 -13.63 -20.10
CA SER B 16 7.15 -13.64 -20.08
C SER B 16 6.49 -12.28 -20.26
N SER B 17 6.60 -11.45 -19.23
CA SER B 17 6.01 -10.10 -19.24
C SER B 17 4.51 -10.10 -19.53
N THR B 18 3.81 -11.03 -18.90
CA THR B 18 2.35 -11.06 -19.02
C THR B 18 1.73 -11.32 -17.66
N ALA B 19 0.47 -10.92 -17.54
CA ALA B 19 -0.24 -11.10 -16.30
C ALA B 19 -1.71 -11.28 -16.52
N SER B 20 -2.35 -12.01 -15.61
CA SER B 20 -3.79 -12.03 -15.52
CA SER B 20 -3.80 -12.04 -15.51
C SER B 20 -4.16 -11.58 -14.12
N VAL B 21 -5.12 -10.68 -14.03
CA VAL B 21 -5.59 -10.18 -12.76
C VAL B 21 -7.08 -10.39 -12.72
N THR B 22 -7.57 -11.10 -11.70
CA THR B 22 -8.99 -11.35 -11.53
C THR B 22 -9.44 -10.71 -10.24
N VAL B 23 -10.50 -9.93 -10.30
CA VAL B 23 -11.01 -9.25 -9.11
C VAL B 23 -12.48 -9.56 -8.98
N ASP B 24 -12.86 -10.20 -7.87
CA ASP B 24 -14.24 -10.68 -7.67
C ASP B 24 -14.79 -11.35 -8.95
N GLY B 25 -13.97 -12.22 -9.52
CA GLY B 25 -14.43 -13.04 -10.63
C GLY B 25 -14.30 -12.46 -12.03
N LYS B 26 -13.86 -11.21 -12.11
CA LYS B 26 -13.76 -10.51 -13.38
C LYS B 26 -12.28 -10.35 -13.76
N ASP B 27 -11.90 -10.89 -14.91
CA ASP B 27 -10.50 -10.98 -15.27
C ASP B 27 -10.09 -9.95 -16.33
N ARG B 28 -8.87 -9.46 -16.18
CA ARG B 28 -8.17 -8.66 -17.19
C ARG B 28 -6.83 -9.34 -17.53
N ASN B 29 -6.47 -9.30 -18.81
CA ASN B 29 -5.21 -9.84 -19.31
C ASN B 29 -4.29 -8.71 -19.74
N PHE B 30 -3.01 -8.83 -19.41
CA PHE B 30 -2.05 -7.77 -19.66
C PHE B 30 -0.82 -8.30 -20.35
N HIS B 31 -0.31 -7.52 -21.31
CA HIS B 31 1.00 -7.78 -21.92
C HIS B 31 2.02 -6.73 -21.52
N ILE B 32 1.63 -5.83 -20.64
CA ILE B 32 2.48 -4.77 -20.16
C ILE B 32 2.81 -5.04 -18.70
N VAL B 33 4.05 -5.45 -18.44
CA VAL B 33 4.52 -5.81 -17.10
C VAL B 33 5.97 -5.36 -16.96
N THR B 34 6.26 -4.67 -15.85
CA THR B 34 7.61 -4.24 -15.52
C THR B 34 7.92 -4.69 -14.12
N CYS B 35 9.11 -5.24 -13.92
CA CYS B 35 9.54 -5.66 -12.62
C CYS B 35 10.86 -4.98 -12.28
N ARG B 36 11.01 -4.61 -11.01
CA ARG B 36 12.20 -3.94 -10.49
C ARG B 36 12.60 -4.61 -9.18
N GLN B 37 13.88 -4.53 -8.83
CA GLN B 37 14.35 -5.08 -7.57
C GLN B 37 15.15 -4.03 -6.79
N LEU B 38 14.80 -3.85 -5.53
CA LEU B 38 15.62 -3.06 -4.62
C LEU B 38 15.97 -3.96 -3.44
N GLU B 39 17.19 -4.50 -3.47
CA GLU B 39 17.64 -5.47 -2.48
C GLU B 39 16.65 -6.62 -2.34
N TRP B 40 16.05 -6.74 -1.16
CA TRP B 40 15.13 -7.84 -0.88
C TRP B 40 13.78 -7.67 -1.61
N ARG B 41 13.42 -6.42 -1.93
CA ARG B 41 12.07 -6.11 -2.41
C ARG B 41 11.95 -6.25 -3.93
N ARG B 42 10.96 -7.02 -4.37
CA ARG B 42 10.62 -7.12 -5.78
C ARG B 42 9.35 -6.32 -6.02
N MET B 43 9.40 -5.42 -6.98
CA MET B 43 8.23 -4.65 -7.35
C MET B 43 7.75 -5.08 -8.72
N ILE B 44 6.45 -5.37 -8.82
CA ILE B 44 5.84 -5.81 -10.07
C ILE B 44 4.75 -4.82 -10.45
N ASP B 45 4.89 -4.17 -11.61
CA ASP B 45 3.90 -3.21 -12.09
C ASP B 45 3.20 -3.80 -13.31
N ILE B 46 1.90 -4.03 -13.18
CA ILE B 46 1.09 -4.66 -14.22
C ILE B 46 0.22 -3.59 -14.86
N GLY B 47 0.20 -3.54 -16.18
CA GLY B 47 -0.65 -2.57 -16.83
C GLY B 47 -0.11 -1.17 -16.79
N ALA B 48 -0.98 -0.22 -16.51
CA ALA B 48 -0.66 1.18 -16.51
C ALA B 48 -1.16 1.87 -15.24
N ASP B 49 -0.64 3.06 -14.96
CA ASP B 49 -1.03 3.78 -13.77
C ASP B 49 -2.55 4.01 -13.76
N PHE B 50 -3.15 4.19 -14.94
CA PHE B 50 -4.58 4.46 -15.03
C PHE B 50 -5.44 3.19 -14.80
N SER B 51 -4.88 2.03 -15.12
CA SER B 51 -5.61 0.77 -14.95
C SER B 51 -4.58 -0.34 -14.88
N GLY B 52 -4.39 -0.88 -13.67
CA GLY B 52 -3.31 -1.83 -13.47
C GLY B 52 -3.21 -2.24 -12.03
N ALA B 53 -2.13 -2.94 -11.70
CA ALA B 53 -1.89 -3.31 -10.33
C ALA B 53 -0.41 -3.25 -10.02
N LYS B 54 -0.08 -2.81 -8.83
CA LYS B 54 1.32 -2.73 -8.40
C LYS B 54 1.50 -3.57 -7.17
N VAL B 55 2.47 -4.46 -7.21
CA VAL B 55 2.71 -5.42 -6.13
C VAL B 55 4.11 -5.21 -5.57
N ALA B 56 4.25 -5.27 -4.25
CA ALA B 56 5.56 -5.30 -3.61
C ALA B 56 5.70 -6.63 -2.86
N VAL B 57 6.75 -7.38 -3.17
CA VAL B 57 7.02 -8.67 -2.54
C VAL B 57 8.31 -8.58 -1.74
N ASP B 58 8.32 -9.14 -0.53
CA ASP B 58 9.55 -9.28 0.23
C ASP B 58 10.10 -10.68 -0.02
N GLU B 59 11.15 -10.76 -0.84
CA GLU B 59 11.73 -12.07 -1.18
C GLU B 59 12.75 -12.55 -0.14
N ASN B 60 13.08 -11.71 0.83
CA ASN B 60 13.97 -12.13 1.92
C ASN B 60 13.28 -13.08 2.86
N ALA B 61 11.96 -12.94 2.99
CA ALA B 61 11.16 -13.85 3.80
C ALA B 61 11.16 -15.24 3.20
N GLN B 62 11.13 -16.25 4.06
CA GLN B 62 11.11 -17.63 3.63
C GLN B 62 9.91 -18.33 4.24
N PRO B 63 8.86 -18.56 3.43
CA PRO B 63 8.74 -18.20 2.01
C PRO B 63 8.47 -16.70 1.82
N PRO B 64 8.67 -16.18 0.60
CA PRO B 64 8.36 -14.78 0.30
C PRO B 64 6.95 -14.40 0.70
N VAL B 65 6.76 -13.16 1.09
CA VAL B 65 5.45 -12.65 1.47
C VAL B 65 5.08 -11.43 0.63
N VAL B 66 3.79 -11.22 0.46
CA VAL B 66 3.30 -10.02 -0.20
C VAL B 66 3.29 -8.89 0.80
N GLU B 67 3.96 -7.79 0.44
CA GLU B 67 4.01 -6.62 1.29
C GLU B 67 2.80 -5.73 1.07
N SER B 68 2.47 -5.51 -0.20
CA SER B 68 1.35 -4.64 -0.55
C SER B 68 0.90 -4.85 -1.99
N VAL B 69 -0.35 -4.51 -2.24
CA VAL B 69 -0.93 -4.52 -3.57
C VAL B 69 -1.78 -3.29 -3.68
N HIS B 70 -1.64 -2.58 -4.81
CA HIS B 70 -2.46 -1.41 -5.12
C HIS B 70 -3.12 -1.72 -6.44
N ILE B 71 -4.44 -1.97 -6.40
CA ILE B 71 -5.19 -2.27 -7.64
C ILE B 71 -5.85 -0.97 -8.03
N GLN B 72 -5.64 -0.51 -9.26
CA GLN B 72 -6.19 0.77 -9.72
C GLN B 72 -7.10 0.53 -10.89
N ASN B 73 -8.39 0.79 -10.71
CA ASN B 73 -9.34 0.86 -11.85
C ASN B 73 -9.24 -0.36 -12.76
N LEU B 74 -9.37 -1.52 -12.13
CA LEU B 74 -9.16 -2.79 -12.81
C LEU B 74 -10.35 -3.70 -12.48
N SER B 75 -11.02 -4.19 -13.51
CA SER B 75 -12.23 -4.98 -13.29
C SER B 75 -13.23 -4.27 -12.37
N GLY B 76 -13.31 -2.96 -12.56
CA GLY B 76 -14.33 -2.17 -11.87
C GLY B 76 -14.01 -1.95 -10.41
N PHE B 77 -12.75 -2.07 -10.04
CA PHE B 77 -12.34 -1.96 -8.64
C PHE B 77 -11.04 -1.16 -8.48
N SER B 78 -10.98 -0.33 -7.44
CA SER B 78 -9.69 0.21 -6.97
C SER B 78 -9.59 -0.12 -5.50
N GLY B 79 -8.42 -0.59 -5.06
CA GLY B 79 -8.33 -0.94 -3.65
C GLY B 79 -6.93 -1.37 -3.29
N MET B 80 -6.73 -1.48 -1.99
CA MET B 80 -5.42 -1.67 -1.41
CA MET B 80 -5.41 -1.71 -1.46
C MET B 80 -5.33 -2.89 -0.50
N TYR B 81 -4.18 -3.55 -0.50
CA TYR B 81 -3.83 -4.53 0.51
C TYR B 81 -2.48 -4.14 1.09
N SER B 82 -2.33 -4.18 2.41
CA SER B 82 -0.97 -4.18 2.94
C SER B 82 -0.92 -5.15 4.09
N ARG B 83 0.26 -5.71 4.31
CA ARG B 83 0.43 -6.75 5.30
CA ARG B 83 0.48 -6.73 5.31
C ARG B 83 0.06 -6.24 6.70
N GLY B 84 -0.72 -7.05 7.42
CA GLY B 84 -1.19 -6.73 8.76
C GLY B 84 -2.66 -6.35 8.80
N GLY B 85 -3.33 -6.63 9.92
CA GLY B 85 -4.73 -6.26 10.02
C GLY B 85 -5.66 -7.24 9.32
N SER B 86 -6.90 -6.82 9.13
CA SER B 86 -7.96 -7.71 8.64
CA SER B 86 -7.93 -7.73 8.65
C SER B 86 -7.68 -8.24 7.24
N GLY B 87 -7.20 -7.38 6.36
CA GLY B 87 -6.94 -7.80 4.99
C GLY B 87 -5.61 -8.52 4.87
N SER B 88 -5.66 -9.68 4.23
CA SER B 88 -4.48 -10.52 4.04
C SER B 88 -4.31 -11.01 2.59
N ALA B 89 -3.12 -11.53 2.31
CA ALA B 89 -2.73 -12.05 1.01
C ALA B 89 -1.72 -13.18 1.17
N ASP B 90 -1.68 -14.07 0.18
CA ASP B 90 -0.78 -15.22 0.21
C ASP B 90 -0.18 -15.34 -1.19
N MET B 91 0.98 -15.94 -1.30
CA MET B 91 1.59 -16.09 -2.61
C MET B 91 2.46 -17.31 -2.71
N SER B 92 2.74 -17.69 -3.94
CA SER B 92 3.70 -18.73 -4.23
C SER B 92 4.35 -18.46 -5.56
N MET B 93 5.50 -19.08 -5.77
CA MET B 93 6.17 -19.04 -7.06
C MET B 93 6.21 -20.44 -7.65
N THR B 94 5.98 -20.54 -8.96
CA THR B 94 6.17 -21.77 -9.71
C THR B 94 7.08 -21.42 -10.87
N GLY B 95 8.36 -21.77 -10.76
CA GLY B 95 9.31 -21.27 -11.72
C GLY B 95 9.28 -19.75 -11.75
N ASP B 96 9.14 -19.16 -12.94
CA ASP B 96 9.12 -17.70 -13.08
C ASP B 96 7.77 -17.08 -12.72
N LYS B 97 6.77 -17.91 -12.48
CA LYS B 97 5.40 -17.42 -12.35
C LYS B 97 4.99 -17.17 -10.90
N PHE B 98 4.59 -15.94 -10.61
CA PHE B 98 4.02 -15.57 -9.32
C PHE B 98 2.53 -15.79 -9.31
N THR B 99 2.01 -16.44 -8.27
CA THR B 99 0.57 -16.47 -8.02
C THR B 99 0.28 -15.82 -6.68
N ILE B 100 -0.54 -14.77 -6.72
CA ILE B 100 -0.82 -13.99 -5.52
C ILE B 100 -2.32 -13.93 -5.32
N SER B 101 -2.78 -14.28 -4.14
CA SER B 101 -4.20 -14.27 -3.83
CA SER B 101 -4.19 -14.25 -3.85
C SER B 101 -4.44 -13.46 -2.58
N GLY B 102 -5.54 -12.73 -2.53
CA GLY B 102 -5.85 -12.04 -1.29
C GLY B 102 -7.11 -11.23 -1.35
N THR B 103 -7.25 -10.32 -0.39
CA THR B 103 -8.34 -9.39 -0.30
CA THR B 103 -8.35 -9.36 -0.41
C THR B 103 -7.79 -7.96 -0.36
N ALA B 104 -8.49 -7.07 -1.03
CA ALA B 104 -8.14 -5.67 -1.06
C ALA B 104 -9.35 -4.85 -0.64
N ASP B 105 -9.09 -3.74 0.03
CA ASP B 105 -10.16 -2.86 0.50
C ASP B 105 -10.16 -1.60 -0.33
N GLY B 106 -11.31 -1.22 -0.88
CA GLY B 106 -11.36 -0.01 -1.66
C GLY B 106 -12.79 0.27 -2.07
N TYR B 107 -13.02 0.38 -3.38
CA TYR B 107 -14.33 0.73 -3.93
C TYR B 107 -14.56 0.06 -5.26
N LYS B 108 -15.78 -0.42 -5.48
CA LYS B 108 -16.19 -0.73 -6.82
C LYS B 108 -16.52 0.60 -7.49
N THR B 109 -15.97 0.81 -8.68
CA THR B 109 -16.09 2.11 -9.32
C THR B 109 -17.53 2.42 -9.75
N ASP B 110 -18.36 1.39 -9.89
CA ASP B 110 -19.80 1.58 -10.11
C ASP B 110 -20.47 2.30 -8.95
N LYS B 111 -19.88 2.22 -7.76
CA LYS B 111 -20.52 2.71 -6.54
C LYS B 111 -19.53 3.46 -5.67
N PRO B 112 -19.16 4.68 -6.12
CA PRO B 112 -18.20 5.50 -5.38
C PRO B 112 -18.73 5.82 -4.00
N GLY B 113 -17.81 5.81 -3.02
CA GLY B 113 -18.16 6.18 -1.67
C GLY B 113 -18.66 5.04 -0.80
N GLU B 114 -18.93 3.90 -1.43
CA GLU B 114 -19.40 2.72 -0.71
C GLU B 114 -18.26 1.74 -0.49
N PRO B 115 -17.72 1.69 0.73
CA PRO B 115 -16.51 0.88 0.90
C PRO B 115 -16.76 -0.57 0.52
N ALA B 116 -15.80 -1.18 -0.18
CA ALA B 116 -15.99 -2.51 -0.70
C ALA B 116 -14.71 -3.29 -0.58
N THR B 117 -14.87 -4.55 -0.25
CA THR B 117 -13.78 -5.50 -0.20
CA THR B 117 -13.73 -5.47 -0.26
C THR B 117 -13.86 -6.39 -1.45
N ALA B 118 -12.73 -6.79 -2.03
CA ALA B 118 -12.74 -7.69 -3.18
C ALA B 118 -11.67 -8.75 -3.08
N THR B 119 -11.96 -9.94 -3.60
CA THR B 119 -10.99 -11.02 -3.65
C THR B 119 -10.22 -10.93 -4.95
N PHE B 120 -8.91 -10.93 -4.91
CA PHE B 120 -8.12 -10.81 -6.13
C PHE B 120 -7.18 -12.00 -6.32
N LYS B 121 -6.89 -12.28 -7.57
CA LYS B 121 -5.88 -13.25 -7.96
C LYS B 121 -5.03 -12.64 -9.03
N ILE B 122 -3.72 -12.60 -8.78
CA ILE B 122 -2.77 -12.08 -9.73
C ILE B 122 -1.84 -13.22 -10.11
N VAL B 123 -1.78 -13.55 -11.40
CA VAL B 123 -0.79 -14.50 -11.91
C VAL B 123 0.08 -13.72 -12.87
N VAL B 124 1.37 -13.64 -12.56
CA VAL B 124 2.24 -12.75 -13.34
C VAL B 124 3.64 -13.32 -13.50
N THR B 125 4.18 -13.14 -14.71
CA THR B 125 5.53 -13.52 -15.04
C THR B 125 6.27 -12.28 -15.50
N CYS B 126 7.44 -11.98 -14.91
CA CYS B 126 8.20 -10.80 -15.33
C CYS B 126 8.90 -11.03 -16.68
NA NA C . -4.02 -5.32 5.78
#